data_3IQR
#
_entry.id   3IQR
#
_cell.length_a   61.804
_cell.length_b   61.804
_cell.length_c   157.568
_cell.angle_alpha   90.00
_cell.angle_beta   90.00
_cell.angle_gamma   90.00
#
_symmetry.space_group_name_H-M   'P 43 21 2'
#
loop_
_entity.id
_entity.type
_entity.pdbx_description
1 polymer 'SAM-I riboswitch'
2 non-polymer 'BARIUM ION'
3 non-polymer S-ADENOSYLMETHIONINE
4 water water
#
_entity_poly.entity_id   1
_entity_poly.type   'polyribonucleotide'
_entity_poly.pdbx_seq_one_letter_code
;GGCUUAUCAAGAGAGGUGGAGGGACUGGCCCGAUGAAACCCGGCAACCAGAAAUGGUGCCAAUUCCUGCAGCGGAAACGU
UGAAAGAUGAGCCG
;
_entity_poly.pdbx_strand_id   A
#
loop_
_chem_comp.id
_chem_comp.type
_chem_comp.name
_chem_comp.formula
A RNA linking ADENOSINE-5'-MONOPHOSPHATE 'C10 H14 N5 O7 P'
BA non-polymer 'BARIUM ION' 'Ba 2'
C RNA linking CYTIDINE-5'-MONOPHOSPHATE 'C9 H14 N3 O8 P'
G RNA linking GUANOSINE-5'-MONOPHOSPHATE 'C10 H14 N5 O8 P'
SAM non-polymer S-ADENOSYLMETHIONINE 'C15 H22 N6 O5 S'
U RNA linking URIDINE-5'-MONOPHOSPHATE 'C9 H13 N2 O9 P'
#
# COMPACT_ATOMS: atom_id res chain seq x y z
BA BA B . 0.31 17.27 7.11
BA BA C . -24.08 -12.89 1.37
BA BA D . 26.18 -25.50 -6.51
BA BA E . 3.90 -12.42 -6.38
BA BA F . -12.67 -26.16 -1.85
BA BA G . 1.00 -9.00 5.34
BA BA H . 9.34 -3.14 -9.79
BA BA I . -8.17 9.59 6.12
BA BA J . -1.64 7.08 -17.10
N SAM K . -1.79 0.69 1.02
CA SAM K . -1.54 -0.74 0.97
C SAM K . -1.81 -1.34 2.32
O SAM K . -1.62 -2.55 2.51
OXT SAM K . -2.18 -0.63 3.24
CB SAM K . -0.08 -1.01 0.60
CG SAM K . 0.29 -0.14 -0.59
SD SAM K . 2.03 -0.31 -1.11
CE SAM K . 2.59 -1.86 -0.35
C5' SAM K . 2.98 0.69 0.18
C4' SAM K . 3.07 2.28 0.03
O4' SAM K . 2.10 3.07 0.66
C3' SAM K . 3.37 2.90 -1.28
O3' SAM K . 3.92 1.96 -2.21
C2' SAM K . 1.87 3.36 -1.60
O2' SAM K . 1.85 4.24 -2.69
C1' SAM K . 1.52 4.07 -0.28
N9 SAM K . 0.10 4.31 0.20
C8 SAM K . -1.05 4.83 -0.29
N7 SAM K . -2.00 4.84 0.61
C5 SAM K . -1.52 4.29 1.74
C6 SAM K . -2.05 4.03 3.03
N6 SAM K . -3.36 4.36 3.35
N1 SAM K . -1.26 3.45 3.96
C2 SAM K . -0.01 3.08 3.67
N3 SAM K . 0.55 3.37 2.50
C4 SAM K . -0.17 3.94 1.51
#